data_9RQD
#
_entry.id   9RQD
#
_cell.length_a   67.827
_cell.length_b   89.773
_cell.length_c   44.872
_cell.angle_alpha   90.000
_cell.angle_beta   90.000
_cell.angle_gamma   90.000
#
_symmetry.space_group_name_H-M   'P 21 21 2'
#
loop_
_entity.id
_entity.type
_entity.pdbx_description
1 polymer 'FosA family fosfomycin resistance glutathione transferase'
2 non-polymer 1,2-ETHANEDIOL
3 non-polymer 3-ethoxybenzene-1-carboximidamide
4 non-polymer 'MANGANESE (II) ION'
5 non-polymer 'DIMETHYL SULFOXIDE'
6 water water
#
_entity_poly.entity_id   1
_entity_poly.type   'polypeptide(L)'
_entity_poly.pdbx_seq_one_letter_code
;MLSGLNHLTLAVSQLAPSVAFYQQLLGMTLHARWDSGAYLSCGDLWLCLSLDPQRRVTPPEESDYTHYAFSISEADFASF
AARLEAAGVAVWKLNRSEGASHYFLDPDGHKLELHVGSLAQRLAACREQPYKGMVFFEQHHHHHH
;
_entity_poly.pdbx_strand_id   A,B
#
# COMPACT_ATOMS: atom_id res chain seq x y z
N MET A 1 7.83 -11.81 14.05
CA MET A 1 7.00 -10.58 13.90
C MET A 1 6.82 -10.16 12.44
N LEU A 2 6.18 -9.01 12.22
CA LEU A 2 5.98 -8.53 10.87
C LEU A 2 7.25 -7.87 10.38
N SER A 3 7.55 -8.04 9.08
N SER A 3 7.58 -8.10 9.10
CA SER A 3 8.85 -7.59 8.57
CA SER A 3 8.75 -7.46 8.54
C SER A 3 8.79 -6.63 7.39
C SER A 3 8.47 -7.16 7.06
N GLY A 4 7.62 -6.21 6.96
N GLY A 4 8.02 -5.95 6.80
CA GLY A 4 7.50 -5.25 5.88
CA GLY A 4 7.88 -5.47 5.46
C GLY A 4 6.30 -5.58 5.03
C GLY A 4 6.48 -5.67 4.91
N LEU A 5 6.17 -4.90 3.88
CA LEU A 5 5.05 -5.15 3.00
C LEU A 5 5.38 -6.34 2.12
N ASN A 6 4.56 -7.37 2.21
CA ASN A 6 4.70 -8.51 1.32
C ASN A 6 4.21 -8.18 -0.08
N HIS A 7 3.05 -7.55 -0.19
CA HIS A 7 2.53 -7.10 -1.47
C HIS A 7 1.48 -6.03 -1.26
N LEU A 8 1.29 -5.23 -2.31
CA LEU A 8 0.22 -4.26 -2.46
C LEU A 8 -0.72 -4.78 -3.53
N THR A 9 -2.00 -4.91 -3.22
CA THR A 9 -3.00 -5.32 -4.19
C THR A 9 -3.96 -4.17 -4.43
N LEU A 10 -4.08 -3.76 -5.68
CA LEU A 10 -5.02 -2.71 -6.07
C LEU A 10 -6.14 -3.35 -6.85
N ALA A 11 -7.37 -3.11 -6.41
CA ALA A 11 -8.52 -3.48 -7.22
C ALA A 11 -8.62 -2.55 -8.41
N VAL A 12 -8.88 -3.12 -9.58
CA VAL A 12 -8.99 -2.33 -10.80
C VAL A 12 -10.29 -2.68 -11.50
N SER A 13 -10.86 -1.70 -12.21
CA SER A 13 -12.11 -1.92 -12.93
C SER A 13 -11.90 -2.46 -14.33
N GLN A 14 -10.79 -2.10 -14.97
CA GLN A 14 -10.46 -2.57 -16.31
C GLN A 14 -9.00 -2.98 -16.32
N LEU A 15 -8.74 -4.26 -16.52
CA LEU A 15 -7.41 -4.78 -16.31
C LEU A 15 -6.42 -4.22 -17.32
N ALA A 16 -6.76 -4.22 -18.60
CA ALA A 16 -5.78 -3.83 -19.60
C ALA A 16 -5.27 -2.41 -19.42
N PRO A 17 -6.12 -1.40 -19.24
CA PRO A 17 -5.61 -0.04 -19.06
C PRO A 17 -4.79 0.08 -17.79
N SER A 18 -5.13 -0.69 -16.77
N SER A 18 -5.15 -0.68 -16.76
CA SER A 18 -4.34 -0.60 -15.54
CA SER A 18 -4.36 -0.62 -15.53
C SER A 18 -2.97 -1.23 -15.72
C SER A 18 -2.97 -1.20 -15.76
N VAL A 19 -2.89 -2.39 -16.37
CA VAL A 19 -1.59 -2.96 -16.66
C VAL A 19 -0.76 -1.98 -17.48
N ALA A 20 -1.39 -1.36 -18.48
CA ALA A 20 -0.66 -0.42 -19.32
C ALA A 20 -0.12 0.74 -18.50
N PHE A 21 -0.93 1.26 -17.58
CA PHE A 21 -0.52 2.37 -16.76
C PHE A 21 0.72 2.03 -15.94
N TYR A 22 0.67 0.91 -15.21
CA TYR A 22 1.78 0.56 -14.34
C TYR A 22 3.03 0.11 -15.10
N GLN A 23 2.84 -0.63 -16.18
CA GLN A 23 3.96 -1.14 -16.95
C GLN A 23 4.48 -0.11 -17.92
N GLN A 24 3.61 0.39 -18.80
CA GLN A 24 4.10 1.26 -19.86
C GLN A 24 4.38 2.67 -19.36
N LEU A 25 3.47 3.24 -18.58
CA LEU A 25 3.67 4.62 -18.19
C LEU A 25 4.61 4.74 -16.99
N LEU A 26 4.41 3.93 -15.97
CA LEU A 26 5.24 4.03 -14.77
C LEU A 26 6.51 3.19 -14.85
N GLY A 27 6.62 2.28 -15.80
CA GLY A 27 7.86 1.55 -15.99
C GLY A 27 8.06 0.36 -15.09
N MET A 28 7.02 -0.12 -14.43
CA MET A 28 7.17 -1.30 -13.59
C MET A 28 7.30 -2.54 -14.47
N THR A 29 7.82 -3.60 -13.85
CA THR A 29 8.10 -4.84 -14.55
C THR A 29 6.88 -5.76 -14.47
N LEU A 30 6.36 -6.15 -15.63
CA LEU A 30 5.25 -7.08 -15.70
C LEU A 30 5.77 -8.53 -15.73
N HIS A 31 5.34 -9.33 -14.76
CA HIS A 31 5.77 -10.72 -14.68
C HIS A 31 4.74 -11.69 -15.23
N ALA A 32 3.45 -11.41 -15.00
CA ALA A 32 2.41 -12.31 -15.47
C ALA A 32 1.10 -11.54 -15.52
N ARG A 33 0.22 -11.98 -16.42
N ARG A 33 0.23 -11.96 -16.43
CA ARG A 33 -1.11 -11.41 -16.62
CA ARG A 33 -1.13 -11.42 -16.45
C ARG A 33 -2.06 -12.58 -16.90
C ARG A 33 -2.07 -12.54 -16.89
N TRP A 34 -3.26 -12.52 -16.33
CA TRP A 34 -4.28 -13.54 -16.55
C TRP A 34 -5.61 -12.86 -16.71
N ASP A 35 -6.67 -13.64 -16.86
CA ASP A 35 -7.93 -13.02 -17.21
C ASP A 35 -8.41 -12.06 -16.12
N SER A 36 -7.98 -12.26 -14.87
N SER A 36 -8.00 -12.25 -14.86
CA SER A 36 -8.51 -11.49 -13.76
CA SER A 36 -8.52 -11.41 -13.81
C SER A 36 -7.44 -10.77 -12.94
C SER A 36 -7.45 -10.78 -12.94
N GLY A 37 -6.23 -10.66 -13.43
CA GLY A 37 -5.23 -9.93 -12.67
C GLY A 37 -3.90 -9.87 -13.34
N ALA A 38 -2.95 -9.25 -12.65
CA ALA A 38 -1.58 -9.19 -13.13
C ALA A 38 -0.65 -9.06 -11.93
N TYR A 39 0.58 -9.55 -12.09
CA TYR A 39 1.63 -9.38 -11.12
C TYR A 39 2.75 -8.55 -11.73
N LEU A 40 3.12 -7.46 -11.04
CA LEU A 40 4.23 -6.60 -11.43
C LEU A 40 5.17 -6.41 -10.25
N SER A 41 6.39 -5.95 -10.56
CA SER A 41 7.30 -5.55 -9.50
C SER A 41 7.82 -4.15 -9.80
N CYS A 42 8.16 -3.47 -8.72
CA CYS A 42 8.77 -2.14 -8.75
C CYS A 42 9.88 -2.21 -7.72
N GLY A 43 11.12 -2.42 -8.16
CA GLY A 43 12.16 -2.78 -7.21
C GLY A 43 11.74 -4.01 -6.44
N ASP A 44 11.78 -3.92 -5.10
N ASP A 44 11.79 -3.91 -5.11
CA ASP A 44 11.37 -5.02 -4.25
CA ASP A 44 11.39 -5.02 -4.24
C ASP A 44 9.86 -5.16 -4.11
C ASP A 44 9.89 -5.06 -3.95
N LEU A 45 9.09 -4.14 -4.47
CA LEU A 45 7.64 -4.20 -4.31
C LEU A 45 6.98 -5.20 -5.25
N TRP A 46 6.17 -6.07 -4.68
CA TRP A 46 5.24 -6.94 -5.39
C TRP A 46 3.90 -6.23 -5.46
N LEU A 47 3.53 -5.82 -6.66
CA LEU A 47 2.24 -5.22 -6.97
C LEU A 47 1.32 -6.22 -7.66
N CYS A 48 0.12 -6.35 -7.12
N CYS A 48 0.11 -6.37 -7.12
CA CYS A 48 -0.93 -7.15 -7.74
CA CYS A 48 -0.90 -7.18 -7.77
C CYS A 48 -2.02 -6.21 -8.21
C CYS A 48 -2.06 -6.29 -8.18
N LEU A 49 -2.42 -6.35 -9.46
CA LEU A 49 -3.63 -5.72 -9.97
C LEU A 49 -4.70 -6.79 -10.03
N SER A 50 -5.83 -6.55 -9.37
CA SER A 50 -6.88 -7.56 -9.28
C SER A 50 -8.17 -7.01 -9.89
N LEU A 51 -8.64 -7.63 -10.97
CA LEU A 51 -9.88 -7.18 -11.60
C LEU A 51 -11.03 -7.38 -10.60
N ASP A 52 -11.74 -6.31 -10.28
CA ASP A 52 -12.75 -6.37 -9.24
C ASP A 52 -13.96 -5.63 -9.78
N PRO A 53 -15.09 -6.32 -10.03
CA PRO A 53 -16.30 -5.61 -10.48
C PRO A 53 -16.79 -4.58 -9.49
N GLN A 54 -16.35 -4.63 -8.23
N GLN A 54 -16.34 -4.62 -8.23
CA GLN A 54 -16.74 -3.64 -7.23
CA GLN A 54 -16.75 -3.64 -7.23
C GLN A 54 -15.93 -2.35 -7.33
C GLN A 54 -15.82 -2.44 -7.17
N ARG A 55 -14.77 -2.38 -7.97
CA ARG A 55 -13.96 -1.15 -8.07
C ARG A 55 -14.67 -0.07 -8.88
N ARG A 56 -14.77 1.11 -8.29
CA ARG A 56 -15.29 2.26 -9.01
C ARG A 56 -14.20 3.26 -9.30
N VAL A 57 -14.35 3.93 -10.42
CA VAL A 57 -13.46 5.04 -10.77
C VAL A 57 -13.84 6.19 -9.87
N THR A 58 -12.92 6.60 -9.00
CA THR A 58 -13.27 7.45 -7.87
C THR A 58 -12.59 8.80 -7.95
N PRO A 59 -13.34 9.89 -8.04
CA PRO A 59 -12.71 11.20 -8.05
C PRO A 59 -12.00 11.44 -6.72
N PRO A 60 -10.93 12.23 -6.74
CA PRO A 60 -10.10 12.33 -5.54
C PRO A 60 -10.79 13.06 -4.42
N GLU A 61 -11.79 13.88 -4.71
CA GLU A 61 -12.53 14.55 -3.66
C GLU A 61 -13.48 13.61 -2.93
N GLU A 62 -13.73 12.42 -3.47
N GLU A 62 -13.73 12.41 -3.50
CA GLU A 62 -14.63 11.45 -2.84
CA GLU A 62 -14.61 11.41 -2.92
C GLU A 62 -13.88 10.22 -2.31
C GLU A 62 -13.87 10.36 -2.10
N SER A 63 -12.56 10.28 -2.22
CA SER A 63 -11.78 9.33 -1.44
C SER A 63 -10.96 10.02 -0.37
N ASP A 64 -10.63 9.25 0.67
CA ASP A 64 -9.78 9.74 1.74
C ASP A 64 -8.33 9.81 1.31
N TYR A 65 -7.47 10.19 2.24
CA TYR A 65 -6.06 10.47 1.98
C TYR A 65 -5.20 9.22 1.83
N THR A 66 -5.76 8.01 1.93
CA THR A 66 -4.97 6.79 1.73
C THR A 66 -4.26 6.87 0.39
N HIS A 67 -2.96 6.58 0.36
CA HIS A 67 -2.20 6.74 -0.88
C HIS A 67 -0.93 5.92 -0.83
N TYR A 68 -0.34 5.73 -2.02
CA TYR A 68 0.79 4.84 -2.24
C TYR A 68 1.87 5.63 -2.94
N ALA A 69 3.02 5.76 -2.28
CA ALA A 69 4.13 6.54 -2.83
C ALA A 69 5.23 5.61 -3.31
N PHE A 70 5.81 5.97 -4.45
CA PHE A 70 6.90 5.22 -5.07
C PHE A 70 8.17 6.04 -5.00
N SER A 71 9.28 5.37 -4.74
CA SER A 71 10.55 6.04 -4.65
C SER A 71 11.13 6.36 -6.01
N ILE A 72 11.73 7.54 -6.10
CA ILE A 72 12.41 7.98 -7.31
C ILE A 72 13.57 8.87 -6.86
N SER A 73 14.63 8.86 -7.65
CA SER A 73 15.80 9.62 -7.28
C SER A 73 15.60 11.11 -7.50
N GLU A 74 16.44 11.90 -6.82
CA GLU A 74 16.42 13.34 -7.03
C GLU A 74 16.70 13.70 -8.48
N ALA A 75 17.58 12.95 -9.15
CA ALA A 75 17.93 13.26 -10.52
C ALA A 75 16.80 12.96 -11.51
N ASP A 76 15.93 12.00 -11.19
CA ASP A 76 14.86 11.61 -12.11
C ASP A 76 13.50 12.24 -11.80
N PHE A 77 13.34 12.81 -10.60
CA PHE A 77 12.02 13.19 -10.11
C PHE A 77 11.31 14.14 -11.06
N ALA A 78 11.94 15.27 -11.38
CA ALA A 78 11.21 16.33 -12.10
C ALA A 78 10.84 15.89 -13.50
N SER A 79 11.73 15.20 -14.19
N SER A 79 11.76 15.22 -14.19
CA SER A 79 11.38 14.86 -15.56
CA SER A 79 11.49 14.77 -15.55
C SER A 79 10.31 13.77 -15.61
C SER A 79 10.32 13.81 -15.57
N PHE A 80 10.29 12.87 -14.63
CA PHE A 80 9.24 11.85 -14.58
C PHE A 80 7.89 12.51 -14.28
N ALA A 81 7.86 13.42 -13.30
CA ALA A 81 6.64 14.17 -13.01
C ALA A 81 6.17 14.94 -14.24
N ALA A 82 7.09 15.59 -14.95
CA ALA A 82 6.66 16.39 -16.10
C ALA A 82 6.13 15.50 -17.20
N ARG A 83 6.71 14.30 -17.35
CA ARG A 83 6.20 13.36 -18.34
C ARG A 83 4.79 12.90 -18.01
N LEU A 84 4.53 12.59 -16.74
CA LEU A 84 3.16 12.24 -16.36
C LEU A 84 2.22 13.39 -16.68
N GLU A 85 2.62 14.63 -16.37
CA GLU A 85 1.79 15.80 -16.66
C GLU A 85 1.51 15.91 -18.15
N ALA A 86 2.55 15.78 -18.96
CA ALA A 86 2.35 15.92 -20.40
C ALA A 86 1.49 14.81 -20.96
N ALA A 87 1.49 13.65 -20.30
CA ALA A 87 0.64 12.54 -20.72
C ALA A 87 -0.79 12.68 -20.25
N GLY A 88 -1.12 13.75 -19.53
CA GLY A 88 -2.47 13.99 -19.13
C GLY A 88 -2.91 13.28 -17.87
N VAL A 89 -1.96 12.77 -17.08
CA VAL A 89 -2.32 12.04 -15.87
C VAL A 89 -2.90 13.01 -14.86
N ALA A 90 -4.06 12.68 -14.31
CA ALA A 90 -4.76 13.54 -13.37
C ALA A 90 -4.02 13.61 -12.04
N VAL A 91 -4.28 14.69 -11.33
N VAL A 91 -4.21 14.73 -11.34
CA VAL A 91 -3.60 14.93 -10.07
CA VAL A 91 -3.48 15.05 -10.11
C VAL A 91 -4.61 14.98 -8.95
C VAL A 91 -4.46 15.37 -9.00
N TRP A 92 -4.07 15.09 -7.76
CA TRP A 92 -4.95 15.14 -6.64
C TRP A 92 -4.39 16.03 -5.56
N LYS A 93 -3.13 16.46 -5.66
CA LYS A 93 -2.63 17.33 -4.60
C LYS A 93 -1.47 18.13 -5.13
N LEU A 94 -1.37 19.39 -4.71
CA LEU A 94 -0.33 20.27 -5.19
C LEU A 94 0.65 20.72 -4.12
N ASN A 95 0.22 20.82 -2.87
CA ASN A 95 1.03 21.37 -1.78
C ASN A 95 1.98 20.31 -1.26
N ARG A 96 3.27 20.66 -1.19
CA ARG A 96 4.31 19.73 -0.75
C ARG A 96 4.42 19.78 0.76
N SER A 97 3.54 19.02 1.40
CA SER A 97 3.47 18.98 2.84
C SER A 97 4.38 17.92 3.43
N GLU A 98 5.01 17.09 2.61
CA GLU A 98 5.87 16.00 3.11
C GLU A 98 7.10 15.86 2.24
N GLY A 99 7.66 17.00 1.79
CA GLY A 99 8.87 17.05 1.01
C GLY A 99 8.63 17.02 -0.48
N ALA A 100 9.61 16.52 -1.22
CA ALA A 100 9.57 16.55 -2.68
C ALA A 100 8.70 15.39 -3.18
N SER A 101 7.48 15.73 -3.59
CA SER A 101 6.47 14.76 -3.99
C SER A 101 5.65 15.30 -5.15
N HIS A 102 5.19 14.36 -5.98
CA HIS A 102 4.27 14.62 -7.06
C HIS A 102 3.07 13.70 -6.88
N TYR A 103 1.87 14.26 -6.83
CA TYR A 103 0.67 13.49 -6.49
C TYR A 103 -0.18 13.26 -7.73
N PHE A 104 -0.43 11.99 -8.05
CA PHE A 104 -1.14 11.69 -9.29
C PHE A 104 -2.07 10.51 -9.08
N LEU A 105 -3.00 10.35 -10.00
CA LEU A 105 -4.03 9.34 -9.91
C LEU A 105 -3.83 8.25 -10.98
N ASP A 106 -4.15 7.02 -10.61
CA ASP A 106 -4.21 5.92 -11.57
C ASP A 106 -5.58 5.92 -12.25
N PRO A 107 -5.81 5.04 -13.21
CA PRO A 107 -7.05 5.10 -14.01
C PRO A 107 -8.32 4.94 -13.18
N ASP A 108 -8.24 4.27 -12.04
CA ASP A 108 -9.40 4.11 -11.15
C ASP A 108 -9.44 5.13 -10.03
N GLY A 109 -8.53 6.09 -10.01
CA GLY A 109 -8.49 7.06 -8.95
C GLY A 109 -7.69 6.61 -7.73
N HIS A 110 -6.95 5.49 -7.80
CA HIS A 110 -6.04 5.21 -6.70
C HIS A 110 -5.06 6.37 -6.59
N LYS A 111 -4.86 6.85 -5.37
CA LYS A 111 -3.97 7.97 -5.10
C LYS A 111 -2.54 7.51 -4.99
N LEU A 112 -1.73 8.00 -5.93
CA LEU A 112 -0.33 7.66 -6.06
C LEU A 112 0.54 8.90 -5.83
N GLU A 113 1.82 8.65 -5.62
CA GLU A 113 2.78 9.71 -5.35
C GLU A 113 4.16 9.26 -5.80
N LEU A 114 4.92 10.19 -6.39
CA LEU A 114 6.37 10.07 -6.53
C LEU A 114 6.99 10.82 -5.36
N HIS A 115 7.93 10.22 -4.66
CA HIS A 115 8.60 10.89 -3.56
C HIS A 115 10.09 10.63 -3.56
N VAL A 116 10.83 11.70 -3.29
CA VAL A 116 12.28 11.64 -3.14
C VAL A 116 12.59 11.67 -1.66
N GLY A 117 13.19 10.60 -1.16
CA GLY A 117 13.68 10.61 0.20
C GLY A 117 13.15 9.49 1.07
N SER A 118 13.93 9.11 2.07
CA SER A 118 13.60 8.02 2.98
C SER A 118 12.87 8.56 4.21
N LEU A 119 12.42 7.63 5.04
CA LEU A 119 11.83 7.99 6.32
C LEU A 119 12.84 8.73 7.18
N ALA A 120 14.08 8.25 7.20
CA ALA A 120 15.09 8.92 8.01
C ALA A 120 15.26 10.37 7.55
N GLN A 121 15.25 10.60 6.24
CA GLN A 121 15.40 11.96 5.72
C GLN A 121 14.20 12.81 6.07
N ARG A 122 13.01 12.22 6.03
N ARG A 122 13.01 12.21 5.98
CA ARG A 122 11.82 12.98 6.38
CA ARG A 122 11.79 12.89 6.39
C ARG A 122 11.83 13.33 7.86
C ARG A 122 11.89 13.34 7.84
N LEU A 123 12.29 12.41 8.71
CA LEU A 123 12.35 12.72 10.13
C LEU A 123 13.33 13.87 10.38
N ALA A 124 14.47 13.84 9.70
CA ALA A 124 15.44 14.92 9.87
C ALA A 124 14.87 16.25 9.38
N ALA A 125 14.16 16.25 8.25
CA ALA A 125 13.57 17.48 7.77
C ALA A 125 12.51 17.99 8.75
N CYS A 126 11.76 17.07 9.35
CA CYS A 126 10.70 17.42 10.29
C CYS A 126 11.24 17.98 11.59
N ARG A 127 12.45 17.58 11.98
CA ARG A 127 13.03 18.19 13.17
C ARG A 127 13.19 19.69 13.01
N GLU A 128 13.49 20.15 11.78
CA GLU A 128 13.67 21.56 11.49
C GLU A 128 12.34 22.27 11.21
N GLN A 129 11.44 21.56 10.54
CA GLN A 129 10.15 22.11 10.12
C GLN A 129 9.12 21.07 10.54
N PRO A 130 8.85 20.98 11.83
CA PRO A 130 7.99 19.90 12.30
C PRO A 130 6.54 20.16 11.97
N TYR A 131 5.79 19.08 11.84
N TYR A 131 5.78 19.07 11.87
CA TYR A 131 4.34 19.17 11.82
CA TYR A 131 4.35 19.17 11.91
C TYR A 131 3.83 19.56 13.21
C TYR A 131 3.91 19.75 13.23
N LYS A 132 2.67 20.22 13.28
CA LYS A 132 2.17 20.73 14.54
C LYS A 132 2.06 19.64 15.61
N GLY A 133 2.66 19.91 16.76
CA GLY A 133 2.58 18.96 17.86
C GLY A 133 3.50 17.77 17.75
N MET A 134 4.49 17.82 16.86
CA MET A 134 5.26 16.63 16.56
C MET A 134 6.17 16.25 17.74
N VAL A 135 6.21 14.95 18.02
N VAL A 135 6.20 14.96 18.03
CA VAL A 135 7.11 14.34 18.99
CA VAL A 135 7.13 14.37 18.99
C VAL A 135 7.85 13.22 18.28
C VAL A 135 7.87 13.24 18.27
N PHE A 136 9.14 13.10 18.59
CA PHE A 136 10.01 12.07 18.01
C PHE A 136 10.36 11.06 19.10
N PHE A 137 10.36 9.79 18.72
CA PHE A 137 10.67 8.72 19.68
C PHE A 137 12.04 8.12 19.42
N MET B 1 13.15 6.55 -13.07
CA MET B 1 12.78 5.11 -12.88
C MET B 1 12.36 4.95 -11.45
N LEU B 2 11.31 4.18 -11.21
CA LEU B 2 10.83 3.98 -9.85
C LEU B 2 11.58 2.83 -9.23
N SER B 3 11.96 2.97 -7.98
CA SER B 3 12.81 1.98 -7.36
C SER B 3 12.16 1.16 -6.26
N GLY B 4 10.92 1.39 -5.92
CA GLY B 4 10.22 0.60 -4.93
C GLY B 4 9.08 1.41 -4.33
N LEU B 5 8.45 0.83 -3.32
CA LEU B 5 7.47 1.56 -2.52
C LEU B 5 8.21 2.46 -1.54
N ASN B 6 7.93 3.74 -1.63
CA ASN B 6 8.49 4.70 -0.70
C ASN B 6 7.75 4.71 0.63
N HIS B 7 6.42 4.83 0.61
CA HIS B 7 5.62 4.75 1.83
C HIS B 7 4.19 4.38 1.47
N LEU B 8 3.52 3.82 2.47
CA LEU B 8 2.10 3.53 2.45
C LEU B 8 1.44 4.46 3.46
N THR B 9 0.46 5.25 3.03
CA THR B 9 -0.28 6.12 3.93
C THR B 9 -1.71 5.63 4.03
N LEU B 10 -2.15 5.39 5.26
CA LEU B 10 -3.52 5.01 5.55
C LEU B 10 -4.22 6.19 6.23
N ALA B 11 -5.33 6.61 5.65
CA ALA B 11 -6.19 7.55 6.34
C ALA B 11 -6.90 6.85 7.50
N VAL B 12 -6.95 7.53 8.64
CA VAL B 12 -7.53 6.96 9.85
C VAL B 12 -8.53 7.94 10.42
N SER B 13 -9.58 7.42 11.06
CA SER B 13 -10.59 8.30 11.63
C SER B 13 -10.24 8.73 13.04
N GLN B 14 -9.49 7.92 13.78
CA GLN B 14 -9.10 8.27 15.15
C GLN B 14 -7.65 7.83 15.32
N LEU B 15 -6.76 8.78 15.63
CA LEU B 15 -5.34 8.45 15.63
C LEU B 15 -4.94 7.49 16.75
N ALA B 16 -5.45 7.69 17.96
CA ALA B 16 -5.01 6.86 19.08
C ALA B 16 -5.30 5.38 18.88
N PRO B 17 -6.52 4.95 18.49
CA PRO B 17 -6.71 3.51 18.27
C PRO B 17 -5.91 2.96 17.13
N SER B 18 -5.65 3.79 16.11
CA SER B 18 -4.84 3.30 14.99
C SER B 18 -3.39 3.11 15.41
N VAL B 19 -2.85 4.05 16.21
CA VAL B 19 -1.52 3.84 16.76
C VAL B 19 -1.49 2.60 17.64
N ALA B 20 -2.50 2.42 18.49
CA ALA B 20 -2.53 1.24 19.34
C ALA B 20 -2.50 -0.02 18.49
N PHE B 21 -3.24 -0.03 17.39
CA PHE B 21 -3.33 -1.21 16.55
C PHE B 21 -2.00 -1.49 15.85
N TYR B 22 -1.42 -0.49 15.18
CA TYR B 22 -0.22 -0.77 14.41
C TYR B 22 1.02 -0.92 15.27
N GLN B 23 1.17 -0.07 16.30
CA GLN B 23 2.33 -0.15 17.18
C GLN B 23 2.20 -1.30 18.17
N GLN B 24 1.17 -1.27 19.03
CA GLN B 24 1.11 -2.24 20.12
C GLN B 24 0.65 -3.62 19.65
N LEU B 25 -0.47 -3.71 18.92
CA LEU B 25 -0.96 -5.02 18.54
C LEU B 25 -0.08 -5.64 17.45
N LEU B 26 0.20 -4.88 16.39
N LEU B 26 0.21 -4.88 16.39
CA LEU B 26 0.97 -5.44 15.28
CA LEU B 26 0.96 -5.44 15.27
C LEU B 26 2.47 -5.42 15.51
C LEU B 26 2.48 -5.33 15.44
N GLY B 27 2.95 -4.62 16.45
CA GLY B 27 4.37 -4.60 16.74
C GLY B 27 5.23 -3.70 15.90
N MET B 28 4.64 -2.77 15.16
CA MET B 28 5.45 -1.87 14.34
C MET B 28 6.13 -0.82 15.22
N THR B 29 7.22 -0.25 14.70
CA THR B 29 7.97 0.75 15.45
C THR B 29 7.41 2.14 15.19
N LEU B 30 7.08 2.87 16.26
CA LEU B 30 6.58 4.24 16.17
C LEU B 30 7.76 5.21 16.21
N HIS B 31 7.95 5.97 15.14
CA HIS B 31 9.06 6.92 15.10
C HIS B 31 8.66 8.33 15.46
N ALA B 32 7.45 8.75 15.13
CA ALA B 32 7.04 10.11 15.42
C ALA B 32 5.53 10.15 15.37
N ARG B 33 4.98 11.12 16.06
CA ARG B 33 3.55 11.39 16.02
C ARG B 33 3.33 12.88 16.15
N TRP B 34 2.29 13.37 15.50
CA TRP B 34 1.91 14.77 15.59
C TRP B 34 0.40 14.84 15.69
N ASP B 35 -0.12 16.05 15.77
CA ASP B 35 -1.54 16.18 16.07
C ASP B 35 -2.41 15.49 15.04
N SER B 36 -1.93 15.36 13.79
CA SER B 36 -2.74 14.74 12.75
C SER B 36 -2.09 13.53 12.09
N GLY B 37 -1.15 12.85 12.74
CA GLY B 37 -0.65 11.65 12.09
C GLY B 37 0.47 11.00 12.87
N ALA B 38 1.00 9.95 12.27
CA ALA B 38 2.12 9.24 12.86
C ALA B 38 2.94 8.57 11.76
N TYR B 39 4.22 8.37 12.04
CA TYR B 39 5.10 7.60 11.18
C TYR B 39 5.57 6.36 11.93
N LEU B 40 5.43 5.20 11.29
CA LEU B 40 5.87 3.92 11.82
C LEU B 40 6.71 3.23 10.75
N SER B 41 7.48 2.25 11.19
CA SER B 41 8.14 1.36 10.28
C SER B 41 7.85 -0.09 10.64
N CYS B 42 7.91 -0.91 9.62
CA CYS B 42 7.72 -2.36 9.73
C CYS B 42 8.73 -2.95 8.77
N GLY B 43 9.88 -3.38 9.25
CA GLY B 43 10.93 -3.74 8.30
C GLY B 43 11.25 -2.52 7.45
N ASP B 44 11.34 -2.71 6.14
N ASP B 44 11.35 -2.71 6.13
CA ASP B 44 11.63 -1.62 5.23
CA ASP B 44 11.63 -1.63 5.19
C ASP B 44 10.37 -0.87 4.78
C ASP B 44 10.43 -0.72 4.98
N LEU B 45 9.22 -1.15 5.38
CA LEU B 45 8.03 -0.36 5.12
C LEU B 45 7.96 0.89 5.99
N TRP B 46 7.79 2.03 5.35
CA TRP B 46 7.47 3.29 5.99
C TRP B 46 5.96 3.42 5.90
N LEU B 47 5.30 3.36 7.06
CA LEU B 47 3.87 3.54 7.15
C LEU B 47 3.55 4.89 7.75
N CYS B 48 2.61 5.59 7.15
N CYS B 48 2.62 5.60 7.13
CA CYS B 48 2.11 6.83 7.69
CA CYS B 48 2.09 6.85 7.65
C CYS B 48 0.63 6.65 8.00
C CYS B 48 0.61 6.66 7.99
N LEU B 49 0.24 6.98 9.23
CA LEU B 49 -1.15 7.11 9.60
C LEU B 49 -1.50 8.59 9.53
N SER B 50 -2.53 8.94 8.76
CA SER B 50 -2.92 10.32 8.55
C SER B 50 -4.35 10.51 9.03
N LEU B 51 -4.52 11.33 10.07
CA LEU B 51 -5.85 11.59 10.61
C LEU B 51 -6.67 12.34 9.56
N ASP B 52 -7.82 11.79 9.19
CA ASP B 52 -8.60 12.30 8.08
C ASP B 52 -10.08 12.23 8.44
N PRO B 53 -10.75 13.34 8.67
N PRO B 53 -10.73 13.37 8.66
CA PRO B 53 -12.21 13.23 8.95
CA PRO B 53 -12.19 13.39 8.88
C PRO B 53 -12.98 12.63 7.79
C PRO B 53 -13.00 12.79 7.75
N GLN B 54 -12.42 12.61 6.57
CA GLN B 54 -13.09 11.94 5.49
C GLN B 54 -13.08 10.42 5.62
N ARG B 55 -12.23 9.86 6.45
CA ARG B 55 -12.19 8.39 6.55
C ARG B 55 -13.46 7.86 7.21
N ARG B 56 -14.12 6.94 6.55
N ARG B 56 -14.13 6.95 6.53
CA ARG B 56 -15.29 6.26 7.10
CA ARG B 56 -15.27 6.24 7.08
C ARG B 56 -14.88 4.87 7.58
C ARG B 56 -14.81 4.89 7.62
N VAL B 57 -15.42 4.46 8.72
CA VAL B 57 -15.22 3.10 9.22
C VAL B 57 -16.02 2.20 8.30
N THR B 58 -15.34 1.44 7.46
CA THR B 58 -15.98 0.88 6.29
C THR B 58 -16.11 -0.62 6.40
N PRO B 59 -17.33 -1.16 6.41
CA PRO B 59 -17.48 -2.61 6.44
C PRO B 59 -16.85 -3.25 5.23
N PRO B 60 -16.35 -4.48 5.34
CA PRO B 60 -15.60 -5.09 4.22
C PRO B 60 -16.46 -5.37 3.03
N GLU B 61 -17.77 -5.56 3.21
CA GLU B 61 -18.66 -5.73 2.06
C GLU B 61 -18.80 -4.46 1.25
N GLU B 62 -18.44 -3.31 1.81
CA GLU B 62 -18.58 -2.02 1.14
C GLU B 62 -17.30 -1.45 0.60
N SER B 63 -16.20 -2.17 0.67
CA SER B 63 -14.97 -1.75 0.04
C SER B 63 -14.58 -2.81 -0.98
N ASP B 64 -13.78 -2.37 -1.94
CA ASP B 64 -13.25 -3.28 -2.93
C ASP B 64 -12.07 -4.08 -2.37
N TYR B 65 -11.45 -4.88 -3.23
CA TYR B 65 -10.44 -5.85 -2.85
C TYR B 65 -9.04 -5.26 -2.61
N THR B 66 -8.88 -3.96 -2.76
CA THR B 66 -7.59 -3.33 -2.48
C THR B 66 -7.16 -3.70 -1.06
N HIS B 67 -5.92 -4.16 -0.93
CA HIS B 67 -5.47 -4.61 0.38
C HIS B 67 -3.96 -4.59 0.49
N TYR B 68 -3.49 -4.66 1.73
CA TYR B 68 -2.09 -4.47 2.11
C TYR B 68 -1.64 -5.69 2.89
N ALA B 69 -0.67 -6.44 2.35
CA ALA B 69 -0.19 -7.65 2.98
C ALA B 69 1.17 -7.42 3.60
N PHE B 70 1.33 -7.88 4.85
CA PHE B 70 2.60 -7.82 5.59
C PHE B 70 3.27 -9.17 5.59
N SER B 71 4.59 -9.18 5.52
CA SER B 71 5.33 -10.43 5.56
C SER B 71 5.52 -10.92 6.99
N ILE B 72 5.41 -12.23 7.15
CA ILE B 72 5.69 -12.92 8.41
C ILE B 72 6.24 -14.29 8.03
N SER B 73 7.09 -14.84 8.89
CA SER B 73 7.59 -16.18 8.60
C SER B 73 6.50 -17.24 8.85
N GLU B 74 6.66 -18.38 8.18
CA GLU B 74 5.74 -19.48 8.43
C GLU B 74 5.76 -19.86 9.90
N ALA B 75 6.94 -19.85 10.52
CA ALA B 75 7.04 -20.28 11.91
C ALA B 75 6.26 -19.35 12.84
N ASP B 76 6.17 -18.07 12.51
CA ASP B 76 5.52 -17.11 13.37
C ASP B 76 4.04 -16.90 13.05
N PHE B 77 3.58 -17.41 11.91
CA PHE B 77 2.24 -17.10 11.38
C PHE B 77 1.12 -17.46 12.36
N ALA B 78 1.10 -18.71 12.84
CA ALA B 78 -0.07 -19.15 13.60
C ALA B 78 -0.21 -18.39 14.91
N SER B 79 0.91 -18.10 15.58
N SER B 79 0.91 -18.13 15.60
CA SER B 79 0.79 -17.40 16.86
CA SER B 79 0.85 -17.38 16.84
C SER B 79 0.38 -15.94 16.64
C SER B 79 0.32 -15.98 16.59
N PHE B 80 0.77 -15.35 15.51
CA PHE B 80 0.35 -13.98 15.22
C PHE B 80 -1.14 -13.95 14.88
N ALA B 81 -1.61 -14.92 14.08
CA ALA B 81 -3.04 -15.01 13.81
C ALA B 81 -3.83 -15.18 15.11
N ALA B 82 -3.30 -16.00 16.02
CA ALA B 82 -3.98 -16.24 17.30
C ALA B 82 -4.03 -14.97 18.14
N ARG B 83 -2.97 -14.15 18.08
CA ARG B 83 -2.94 -12.86 18.76
C ARG B 83 -4.03 -11.94 18.26
N LEU B 84 -4.17 -11.86 16.93
CA LEU B 84 -5.23 -11.04 16.35
C LEU B 84 -6.59 -11.57 16.74
N GLU B 85 -6.77 -12.90 16.74
N GLU B 85 -6.76 -12.89 16.75
CA GLU B 85 -8.05 -13.47 17.15
CA GLU B 85 -8.04 -13.45 17.15
C GLU B 85 -8.36 -13.16 18.62
C GLU B 85 -8.35 -13.15 18.61
N ALA B 86 -7.36 -13.27 19.49
CA ALA B 86 -7.59 -12.95 20.89
C ALA B 86 -8.04 -11.49 21.06
N ALA B 87 -7.46 -10.60 20.25
CA ALA B 87 -7.81 -9.19 20.28
C ALA B 87 -9.14 -8.90 19.62
N GLY B 88 -9.82 -9.91 19.07
CA GLY B 88 -11.11 -9.70 18.47
C GLY B 88 -11.06 -9.07 17.11
N VAL B 89 -9.93 -9.12 16.42
CA VAL B 89 -9.78 -8.49 15.13
C VAL B 89 -10.55 -9.29 14.08
N ALA B 90 -11.39 -8.62 13.31
CA ALA B 90 -12.23 -9.31 12.35
C ALA B 90 -11.46 -9.80 11.14
N VAL B 91 -11.91 -10.93 10.61
CA VAL B 91 -11.39 -11.55 9.38
C VAL B 91 -12.36 -11.22 8.26
N TRP B 92 -11.82 -10.87 7.10
CA TRP B 92 -12.65 -10.52 5.95
C TRP B 92 -12.63 -11.53 4.80
N LYS B 93 -11.83 -12.59 4.88
CA LYS B 93 -11.72 -13.58 3.82
C LYS B 93 -11.00 -14.80 4.41
N LEU B 94 -11.34 -15.99 3.91
CA LEU B 94 -10.55 -17.19 4.19
C LEU B 94 -9.48 -17.41 3.12
N ASN B 95 -8.38 -18.03 3.51
CA ASN B 95 -7.31 -18.33 2.54
C ASN B 95 -7.68 -19.51 1.65
N ARG B 96 -7.54 -19.31 0.33
CA ARG B 96 -7.71 -20.36 -0.67
C ARG B 96 -6.59 -20.37 -1.71
N SER B 97 -5.50 -19.66 -1.48
N SER B 97 -5.47 -19.71 -1.44
CA SER B 97 -4.38 -19.56 -2.42
CA SER B 97 -4.38 -19.61 -2.41
C SER B 97 -3.13 -20.16 -1.78
C SER B 97 -3.07 -20.01 -1.74
N GLU B 98 -2.02 -20.15 -2.53
CA GLU B 98 -0.79 -20.75 -2.04
C GLU B 98 -0.10 -19.81 -1.06
N GLY B 99 0.51 -20.40 -0.04
CA GLY B 99 1.14 -19.65 0.99
C GLY B 99 0.13 -19.29 2.05
N ALA B 100 0.53 -19.40 3.29
CA ALA B 100 -0.35 -19.03 4.39
C ALA B 100 -0.75 -17.54 4.27
N SER B 101 -2.02 -17.28 4.51
CA SER B 101 -2.56 -15.92 4.53
C SER B 101 -3.64 -15.82 5.59
N HIS B 102 -3.63 -14.72 6.34
CA HIS B 102 -4.64 -14.37 7.34
C HIS B 102 -5.16 -13.00 6.93
N TYR B 103 -6.46 -12.88 6.66
CA TYR B 103 -7.05 -11.65 6.14
C TYR B 103 -7.84 -10.94 7.22
N PHE B 104 -7.36 -9.77 7.67
CA PHE B 104 -7.90 -9.10 8.83
C PHE B 104 -8.12 -7.63 8.56
N LEU B 105 -8.97 -7.00 9.36
CA LEU B 105 -9.34 -5.60 9.19
C LEU B 105 -8.72 -4.72 10.25
N ASP B 106 -8.30 -3.53 9.85
CA ASP B 106 -7.87 -2.51 10.81
C ASP B 106 -9.08 -1.79 11.38
N PRO B 107 -8.87 -0.87 12.34
CA PRO B 107 -10.01 -0.26 13.04
C PRO B 107 -10.95 0.53 12.13
N ASP B 108 -10.46 0.98 10.98
CA ASP B 108 -11.25 1.73 10.01
C ASP B 108 -11.75 0.88 8.85
N GLY B 109 -11.46 -0.41 8.90
CA GLY B 109 -11.82 -1.30 7.83
C GLY B 109 -10.81 -1.42 6.74
N HIS B 110 -9.60 -0.86 6.90
CA HIS B 110 -8.60 -1.13 5.88
C HIS B 110 -8.35 -2.64 5.84
N LYS B 111 -8.30 -3.17 4.61
CA LYS B 111 -8.10 -4.60 4.40
C LYS B 111 -6.62 -4.96 4.46
N LEU B 112 -6.27 -5.78 5.45
CA LEU B 112 -4.90 -6.21 5.69
C LEU B 112 -4.79 -7.72 5.50
N GLU B 113 -3.56 -8.18 5.41
CA GLU B 113 -3.25 -9.61 5.25
C GLU B 113 -1.90 -9.87 5.89
N LEU B 114 -1.76 -11.02 6.55
CA LEU B 114 -0.46 -11.61 6.83
C LEU B 114 -0.22 -12.64 5.73
N HIS B 115 0.92 -12.59 5.07
CA HIS B 115 1.23 -13.60 4.06
C HIS B 115 2.64 -14.12 4.23
N VAL B 116 2.77 -15.42 3.98
CA VAL B 116 4.04 -16.12 3.91
C VAL B 116 4.30 -16.47 2.46
N GLY B 117 5.38 -15.93 1.91
CA GLY B 117 5.77 -16.26 0.56
C GLY B 117 5.99 -15.05 -0.32
N SER B 118 6.95 -15.18 -1.22
CA SER B 118 7.39 -14.11 -2.11
C SER B 118 6.65 -14.17 -3.45
N LEU B 119 6.88 -13.13 -4.26
CA LEU B 119 6.45 -13.16 -5.64
C LEU B 119 7.06 -14.33 -6.38
N ALA B 120 8.33 -14.61 -6.17
CA ALA B 120 8.95 -15.73 -6.86
C ALA B 120 8.26 -17.05 -6.53
N GLN B 121 7.90 -17.25 -5.26
CA GLN B 121 7.19 -18.45 -4.86
C GLN B 121 5.84 -18.52 -5.55
N ARG B 122 5.13 -17.40 -5.60
CA ARG B 122 3.84 -17.40 -6.27
C ARG B 122 3.99 -17.70 -7.76
N LEU B 123 4.96 -17.07 -8.41
CA LEU B 123 5.16 -17.30 -9.84
C LEU B 123 5.50 -18.77 -10.11
N ALA B 124 6.31 -19.38 -9.24
CA ALA B 124 6.66 -20.79 -9.43
C ALA B 124 5.43 -21.67 -9.34
N ALA B 125 4.58 -21.41 -8.35
CA ALA B 125 3.33 -22.16 -8.22
C ALA B 125 2.44 -21.94 -9.44
N CYS B 126 2.35 -20.71 -9.93
CA CYS B 126 1.52 -20.41 -11.09
C CYS B 126 2.05 -21.04 -12.37
N ARG B 127 3.36 -21.13 -12.52
N ARG B 127 3.37 -21.14 -12.52
CA ARG B 127 3.90 -21.80 -13.71
CA ARG B 127 3.90 -21.80 -13.71
C ARG B 127 3.46 -23.27 -13.74
C ARG B 127 3.48 -23.27 -13.74
N GLU B 128 3.40 -23.91 -12.58
CA GLU B 128 2.97 -25.29 -12.52
C GLU B 128 1.47 -25.43 -12.70
N GLN B 129 0.71 -24.43 -12.28
CA GLN B 129 -0.76 -24.51 -12.31
C GLN B 129 -1.29 -23.14 -12.69
N PRO B 130 -1.23 -22.78 -13.96
CA PRO B 130 -1.54 -21.39 -14.32
C PRO B 130 -3.01 -21.06 -14.14
N TYR B 131 -3.27 -19.83 -13.72
CA TYR B 131 -4.61 -19.32 -13.67
C TYR B 131 -5.18 -19.22 -15.08
N LYS B 132 -6.50 -19.09 -15.16
CA LYS B 132 -7.16 -19.03 -16.46
C LYS B 132 -6.68 -17.81 -17.24
N GLY B 133 -6.18 -18.06 -18.45
CA GLY B 133 -5.68 -17.03 -19.32
C GLY B 133 -4.28 -16.55 -18.99
N MET B 134 -3.54 -17.26 -18.16
CA MET B 134 -2.27 -16.74 -17.68
C MET B 134 -1.17 -16.82 -18.72
N VAL B 135 -0.45 -15.71 -18.86
CA VAL B 135 0.72 -15.55 -19.70
C VAL B 135 1.83 -14.99 -18.82
N PHE B 136 3.04 -15.48 -19.03
CA PHE B 136 4.24 -15.05 -18.31
C PHE B 136 5.10 -14.20 -19.23
N PHE B 137 5.84 -13.27 -18.63
CA PHE B 137 6.71 -12.38 -19.39
C PHE B 137 8.13 -12.45 -18.86
#